data_6L7R
#
_entry.id   6L7R
#
_cell.length_a   69.515
_cell.length_b   61.989
_cell.length_c   52.244
_cell.angle_alpha   90.000
_cell.angle_beta   119.205
_cell.angle_gamma   90.000
#
_symmetry.space_group_name_H-M   'C 1 2 1'
#
loop_
_entity.id
_entity.type
_entity.pdbx_description
1 polymer 'Putative spindle pole body component alp6 protein'
2 polymer Mozart1
3 water water
#
loop_
_entity_poly.entity_id
_entity_poly.type
_entity_poly.pdbx_seq_one_letter_code
_entity_poly.pdbx_strand_id
1 'polypeptide(L)'
;GPLGSMQRINNAIDSLIGHLVPAAAGDDDDARTRRQAVFDLVRALLEQPGSNIPSDVNHASDLIKRRLISTNPSQALRFS
NLYTRLLALPVLNQKWAILYLLHQLAD
;
A
2 'polypeptide(L)'
;GPHMPPSERAEKQAAAQQAVDILHEIATILNCHLDRRTLSICISMIENGVNPEALANVIKELRVLGQDPQQLDALVANYL
ASSRRR
;
B
#
# COMPACT_ATOMS: atom_id res chain seq x y z
N GLY A 1 1.74 14.54 -6.57
CA GLY A 1 1.49 14.85 -5.17
C GLY A 1 0.06 14.61 -4.73
N PRO A 2 -0.18 14.59 -3.42
CA PRO A 2 -1.52 14.36 -2.89
C PRO A 2 -2.39 15.61 -2.82
N LEU A 3 -1.93 16.74 -3.35
CA LEU A 3 -2.71 17.96 -3.35
C LEU A 3 -4.07 17.74 -4.00
N GLY A 4 -5.14 18.07 -3.29
CA GLY A 4 -6.48 17.91 -3.82
C GLY A 4 -7.11 16.55 -3.59
N SER A 5 -6.34 15.60 -3.08
CA SER A 5 -6.83 14.24 -2.85
C SER A 5 -6.90 13.90 -1.36
N MET A 6 -6.82 14.89 -0.47
CA MET A 6 -6.76 14.61 0.96
C MET A 6 -7.99 13.81 1.41
N GLN A 7 -9.18 14.17 0.94
CA GLN A 7 -10.38 13.45 1.33
C GLN A 7 -10.31 11.98 0.96
N ARG A 8 -9.97 11.69 -0.31
CA ARG A 8 -9.93 10.29 -0.73
C ARG A 8 -8.80 9.52 -0.05
N ILE A 9 -7.71 10.19 0.28
CA ILE A 9 -6.61 9.54 0.99
C ILE A 9 -7.01 9.23 2.43
N ASN A 10 -7.65 10.18 3.10
CA ASN A 10 -8.08 9.94 4.48
C ASN A 10 -9.16 8.87 4.56
N ASN A 11 -10.08 8.83 3.59
CA ASN A 11 -11.06 7.75 3.57
C ASN A 11 -10.36 6.40 3.44
N ALA A 12 -9.31 6.34 2.62
CA ALA A 12 -8.54 5.10 2.49
C ALA A 12 -7.80 4.78 3.79
N ILE A 13 -7.25 5.80 4.44
CA ILE A 13 -6.56 5.55 5.70
C ILE A 13 -7.53 4.98 6.73
N ASP A 14 -8.74 5.56 6.81
CA ASP A 14 -9.75 5.01 7.72
C ASP A 14 -9.97 3.52 7.46
N SER A 15 -10.07 3.15 6.19
CA SER A 15 -10.31 1.76 5.83
C SER A 15 -9.13 0.89 6.25
N LEU A 16 -7.91 1.34 5.96
CA LEU A 16 -6.72 0.59 6.34
C LEU A 16 -6.68 0.35 7.84
N ILE A 17 -6.91 1.39 8.62
CA ILE A 17 -6.80 1.25 10.07
C ILE A 17 -7.77 0.19 10.58
N GLY A 18 -9.02 0.22 10.10
CA GLY A 18 -9.98 -0.76 10.54
C GLY A 18 -9.63 -2.17 10.10
N HIS A 19 -9.01 -2.30 8.93
CA HIS A 19 -8.67 -3.61 8.40
C HIS A 19 -7.43 -4.20 9.07
N LEU A 20 -6.43 -3.37 9.37
CA LEU A 20 -5.16 -3.87 9.88
C LEU A 20 -5.00 -3.76 11.39
N VAL A 21 -5.82 -2.96 12.07
CA VAL A 21 -5.68 -2.79 13.52
C VAL A 21 -7.02 -3.07 14.18
N PRO A 22 -7.38 -4.33 14.39
CA PRO A 22 -8.71 -4.64 14.92
C PRO A 22 -9.04 -3.93 16.24
N ALA A 23 -8.07 -3.74 17.13
CA ALA A 23 -8.34 -3.06 18.39
C ALA A 23 -8.72 -1.60 18.20
N ALA A 24 -8.50 -1.04 17.00
CA ALA A 24 -8.84 0.34 16.69
C ALA A 24 -10.10 0.44 15.84
N ALA A 25 -10.78 -0.67 15.58
CA ALA A 25 -11.86 -0.68 14.59
C ALA A 25 -13.27 -0.57 15.17
N GLY A 26 -13.44 -0.67 16.48
CA GLY A 26 -14.76 -0.76 17.07
C GLY A 26 -15.37 0.58 17.44
N ASP A 27 -16.54 0.52 18.10
CA ASP A 27 -17.36 1.69 18.38
C ASP A 27 -17.23 2.22 19.80
N ASP A 28 -16.56 1.50 20.69
CA ASP A 28 -16.42 1.99 22.06
C ASP A 28 -15.37 3.10 22.14
N ASP A 29 -15.40 3.84 23.25
CA ASP A 29 -14.52 5.00 23.43
C ASP A 29 -13.06 4.64 23.25
N ASP A 30 -12.63 3.53 23.86
CA ASP A 30 -11.22 3.17 23.81
C ASP A 30 -10.80 2.85 22.39
N ALA A 31 -11.60 2.08 21.66
CA ALA A 31 -11.28 1.77 20.27
C ALA A 31 -11.19 3.04 19.44
N ARG A 32 -12.11 3.99 19.67
CA ARG A 32 -12.11 5.23 18.90
C ARG A 32 -10.91 6.10 19.25
N THR A 33 -10.46 6.06 20.50
CA THR A 33 -9.25 6.78 20.86
C THR A 33 -8.03 6.15 20.20
N ARG A 34 -7.95 4.81 20.24
CA ARG A 34 -6.90 4.13 19.49
C ARG A 34 -6.91 4.51 18.01
N ARG A 35 -8.09 4.54 17.39
CA ARG A 35 -8.16 4.92 15.98
C ARG A 35 -7.59 6.32 15.75
N GLN A 36 -7.91 7.28 16.63
CA GLN A 36 -7.38 8.62 16.43
C GLN A 36 -5.86 8.64 16.56
N ALA A 37 -5.32 7.91 17.54
CA ALA A 37 -3.87 7.86 17.71
C ALA A 37 -3.21 7.22 16.50
N VAL A 38 -3.83 6.17 15.96
CA VAL A 38 -3.28 5.52 14.78
C VAL A 38 -3.37 6.45 13.58
N PHE A 39 -4.51 7.13 13.45
CA PHE A 39 -4.71 8.04 12.32
C PHE A 39 -3.63 9.12 12.32
N ASP A 40 -3.33 9.68 13.49
CA ASP A 40 -2.34 10.74 13.61
C ASP A 40 -0.95 10.22 13.26
N LEU A 41 -0.63 8.99 13.67
CA LEU A 41 0.62 8.38 13.28
C LEU A 41 0.71 8.20 11.78
N VAL A 42 -0.36 7.70 11.16
CA VAL A 42 -0.31 7.50 9.71
C VAL A 42 -0.08 8.82 9.01
N ARG A 43 -0.78 9.87 9.43
CA ARG A 43 -0.58 11.16 8.79
C ARG A 43 0.86 11.62 8.92
N ALA A 44 1.47 11.43 10.09
CA ALA A 44 2.85 11.84 10.27
C ALA A 44 3.78 11.02 9.39
N LEU A 45 3.56 9.70 9.32
CA LEU A 45 4.40 8.85 8.48
C LEU A 45 4.34 9.30 7.02
N LEU A 46 3.15 9.63 6.53
CA LEU A 46 3.03 9.98 5.13
C LEU A 46 3.64 11.34 4.81
N GLU A 47 3.92 12.17 5.82
CA GLU A 47 4.64 13.42 5.60
C GLU A 47 6.15 13.24 5.55
N GLN A 48 6.67 12.08 5.92
CA GLN A 48 8.13 11.93 6.04
C GLN A 48 8.76 12.00 4.65
N PRO A 49 9.85 12.76 4.49
CA PRO A 49 10.36 13.03 3.13
C PRO A 49 10.78 11.78 2.35
N GLY A 50 11.43 10.82 3.00
CA GLY A 50 11.84 9.63 2.29
C GLY A 50 13.04 9.86 1.39
N SER A 51 13.37 8.81 0.63
CA SER A 51 14.57 8.77 -0.20
C SER A 51 14.29 9.31 -1.60
N ASN A 52 15.37 9.51 -2.36
CA ASN A 52 15.29 9.88 -3.78
C ASN A 52 15.14 8.60 -4.60
N ILE A 53 13.90 8.16 -4.79
CA ILE A 53 13.63 7.08 -5.73
C ILE A 53 13.65 7.68 -7.13
N PRO A 54 14.49 7.18 -8.05
CA PRO A 54 14.46 7.65 -9.44
C PRO A 54 13.21 7.17 -10.18
N VAL A 57 9.36 3.64 -14.41
CA VAL A 57 10.79 3.39 -14.48
C VAL A 57 11.05 1.90 -14.20
N ASN A 58 12.15 1.38 -14.74
CA ASN A 58 12.56 0.01 -14.49
C ASN A 58 13.27 -0.17 -13.14
N HIS A 59 13.25 0.85 -12.27
CA HIS A 59 14.04 0.80 -11.04
C HIS A 59 13.46 -0.19 -10.05
N ALA A 60 12.16 -0.11 -9.77
CA ALA A 60 11.55 -1.05 -8.83
C ALA A 60 11.53 -2.46 -9.41
N SER A 61 11.27 -2.60 -10.70
CA SER A 61 11.26 -3.92 -11.32
C SER A 61 12.65 -4.54 -11.34
N ASP A 62 13.70 -3.72 -11.49
CA ASP A 62 15.06 -4.25 -11.39
C ASP A 62 15.38 -4.67 -9.97
N LEU A 63 14.91 -3.90 -8.97
CA LEU A 63 15.09 -4.31 -7.59
C LEU A 63 14.36 -5.60 -7.30
N ILE A 64 13.15 -5.75 -7.84
CA ILE A 64 12.37 -6.96 -7.60
C ILE A 64 13.02 -8.16 -8.26
N LYS A 65 13.48 -8.00 -9.51
CA LYS A 65 14.11 -9.12 -10.20
C LYS A 65 15.35 -9.61 -9.46
N ARG A 66 16.24 -8.68 -9.08
CA ARG A 66 17.46 -9.11 -8.41
C ARG A 66 17.16 -9.70 -7.04
N ARG A 67 16.12 -9.22 -6.37
CA ARG A 67 15.66 -9.86 -5.15
C ARG A 67 15.21 -11.29 -5.43
N LEU A 68 14.44 -11.49 -6.50
CA LEU A 68 13.88 -12.80 -6.82
C LEU A 68 14.90 -13.83 -7.31
N ILE A 69 16.13 -13.42 -7.64
CA ILE A 69 17.11 -14.46 -7.94
C ILE A 69 17.64 -15.08 -6.66
N SER A 70 17.56 -14.36 -5.54
CA SER A 70 17.95 -14.89 -4.23
C SER A 70 16.78 -15.61 -3.60
N THR A 71 15.77 -14.86 -3.17
CA THR A 71 14.52 -15.48 -2.78
C THR A 71 13.87 -16.09 -4.01
N ASN A 72 13.65 -17.39 -4.00
CA ASN A 72 12.57 -17.88 -4.84
C ASN A 72 12.81 -17.77 -6.36
N PRO A 73 13.95 -18.26 -6.89
CA PRO A 73 14.20 -18.12 -8.34
C PRO A 73 13.19 -18.80 -9.24
N SER A 74 12.36 -19.71 -8.71
CA SER A 74 11.46 -20.46 -9.59
C SER A 74 10.43 -19.58 -10.29
N GLN A 75 10.15 -18.38 -9.78
CA GLN A 75 9.14 -17.50 -10.36
C GLN A 75 9.71 -16.19 -10.86
N ALA A 76 11.02 -16.12 -11.08
CA ALA A 76 11.61 -14.90 -11.63
C ALA A 76 11.07 -14.63 -13.05
N LEU A 77 11.05 -15.66 -13.89
CA LEU A 77 10.48 -15.51 -15.23
C LEU A 77 9.00 -15.11 -15.15
N ARG A 78 8.26 -15.73 -14.23
CA ARG A 78 6.85 -15.40 -14.08
C ARG A 78 6.67 -13.93 -13.70
N PHE A 79 7.50 -13.40 -12.80
CA PHE A 79 7.39 -11.99 -12.49
C PHE A 79 7.67 -11.14 -13.72
N SER A 80 8.69 -11.49 -14.50
CA SER A 80 9.04 -10.71 -15.67
C SER A 80 7.89 -10.65 -16.67
N ASN A 81 7.19 -11.78 -16.85
CA ASN A 81 6.03 -11.76 -17.73
C ASN A 81 4.89 -10.95 -17.14
N LEU A 82 4.68 -11.05 -15.82
CA LEU A 82 3.66 -10.22 -15.17
C LEU A 82 3.96 -8.74 -15.32
N TYR A 83 5.23 -8.36 -15.13
CA TYR A 83 5.63 -6.95 -15.25
C TYR A 83 5.32 -6.42 -16.63
N THR A 84 5.62 -7.22 -17.66
CA THR A 84 5.35 -6.78 -19.03
C THR A 84 3.86 -6.56 -19.25
N ARG A 85 3.03 -7.51 -18.78
CA ARG A 85 1.58 -7.35 -18.92
C ARG A 85 1.12 -6.08 -18.25
N LEU A 86 1.60 -5.84 -17.03
CA LEU A 86 1.17 -4.67 -16.28
C LEU A 86 1.47 -3.38 -17.04
N LEU A 87 2.68 -3.28 -17.61
CA LEU A 87 3.08 -2.05 -18.28
C LEU A 87 2.16 -1.71 -19.45
N ALA A 88 1.58 -2.73 -20.10
CA ALA A 88 0.75 -2.53 -21.28
C ALA A 88 -0.67 -2.10 -20.94
N LEU A 89 -1.09 -2.18 -19.68
CA LEU A 89 -2.47 -1.88 -19.34
C LEU A 89 -2.72 -0.39 -19.46
N PRO A 90 -3.92 0.03 -19.92
CA PRO A 90 -4.20 1.45 -20.11
C PRO A 90 -4.69 2.14 -18.84
N VAL A 91 -4.25 1.65 -17.70
CA VAL A 91 -4.73 2.14 -16.41
C VAL A 91 -3.51 2.29 -15.51
N LEU A 92 -3.66 3.11 -14.47
CA LEU A 92 -2.65 3.36 -13.45
C LEU A 92 -1.54 4.27 -13.96
N ASN A 93 -1.43 5.47 -13.37
CA ASN A 93 -0.42 6.45 -13.73
C ASN A 93 0.87 6.30 -12.92
N GLN A 94 0.86 5.51 -11.85
CA GLN A 94 2.00 5.41 -10.95
C GLN A 94 2.42 3.95 -10.78
N LYS A 95 2.62 3.26 -11.90
CA LYS A 95 3.00 1.86 -11.83
C LYS A 95 4.32 1.67 -11.11
N TRP A 96 5.30 2.57 -11.37
CA TRP A 96 6.59 2.46 -10.71
C TRP A 96 6.44 2.47 -9.19
N ALA A 97 5.53 3.30 -8.68
CA ALA A 97 5.46 3.44 -7.24
C ALA A 97 4.75 2.26 -6.60
N ILE A 98 3.75 1.68 -7.29
CA ILE A 98 3.11 0.50 -6.74
C ILE A 98 4.10 -0.65 -6.66
N LEU A 99 4.95 -0.81 -7.69
CA LEU A 99 5.96 -1.85 -7.65
C LEU A 99 7.00 -1.55 -6.57
N TYR A 100 7.33 -0.27 -6.37
CA TYR A 100 8.22 0.09 -5.27
C TYR A 100 7.62 -0.33 -3.94
N LEU A 101 6.33 -0.09 -3.76
CA LEU A 101 5.66 -0.51 -2.53
C LEU A 101 5.80 -2.01 -2.31
N LEU A 102 5.49 -2.80 -3.35
CA LEU A 102 5.63 -4.25 -3.20
C LEU A 102 7.06 -4.65 -2.85
N HIS A 103 8.05 -4.06 -3.52
CA HIS A 103 9.43 -4.39 -3.19
C HIS A 103 9.73 -4.11 -1.73
N GLN A 104 9.22 -3.01 -1.20
CA GLN A 104 9.49 -2.67 0.20
C GLN A 104 8.85 -3.68 1.16
N LEU A 105 7.67 -4.19 0.82
CA LEU A 105 6.98 -5.18 1.64
C LEU A 105 7.42 -6.61 1.37
N ALA A 106 8.32 -6.82 0.41
CA ALA A 106 8.72 -8.18 0.06
C ALA A 106 9.42 -8.83 1.25
N ASP A 107 9.16 -10.12 1.43
CA ASP A 107 9.57 -10.82 2.65
C ASP A 107 10.05 -12.25 2.33
N MET B 4 -15.08 10.90 -21.52
CA MET B 4 -14.67 9.55 -21.89
C MET B 4 -15.93 8.73 -22.25
N PRO B 5 -15.96 8.16 -23.45
CA PRO B 5 -17.18 7.46 -23.91
C PRO B 5 -17.35 6.12 -23.19
N PRO B 6 -18.55 5.53 -23.22
CA PRO B 6 -18.77 4.26 -22.51
C PRO B 6 -17.75 3.17 -22.80
N SER B 7 -17.34 3.01 -24.07
CA SER B 7 -16.43 1.93 -24.40
C SER B 7 -15.10 2.09 -23.67
N GLU B 8 -14.59 3.32 -23.57
CA GLU B 8 -13.31 3.53 -22.91
C GLU B 8 -13.43 3.38 -21.41
N ARG B 9 -14.55 3.84 -20.83
CA ARG B 9 -14.77 3.64 -19.40
C ARG B 9 -14.83 2.15 -19.05
N ALA B 10 -15.54 1.37 -19.86
CA ALA B 10 -15.65 -0.07 -19.63
C ALA B 10 -14.29 -0.75 -19.77
N GLU B 11 -13.54 -0.39 -20.82
CA GLU B 11 -12.20 -0.96 -20.99
C GLU B 11 -11.29 -0.61 -19.83
N LYS B 12 -11.36 0.64 -19.35
CA LYS B 12 -10.50 1.01 -18.23
C LYS B 12 -10.91 0.33 -16.94
N GLN B 13 -12.21 0.11 -16.74
CA GLN B 13 -12.63 -0.61 -15.54
C GLN B 13 -12.18 -2.07 -15.60
N ALA B 14 -12.27 -2.69 -16.78
CA ALA B 14 -11.81 -4.06 -16.93
C ALA B 14 -10.29 -4.15 -16.75
N ALA B 15 -9.54 -3.17 -17.27
CA ALA B 15 -8.10 -3.16 -17.09
C ALA B 15 -7.71 -2.91 -15.63
N ALA B 16 -8.48 -2.09 -14.91
CA ALA B 16 -8.20 -1.90 -13.49
C ALA B 16 -8.28 -3.23 -12.73
N GLN B 17 -9.27 -4.06 -13.06
CA GLN B 17 -9.40 -5.34 -12.39
C GLN B 17 -8.23 -6.26 -12.73
N GLN B 18 -7.80 -6.28 -14.00
CA GLN B 18 -6.61 -7.03 -14.37
C GLN B 18 -5.37 -6.52 -13.65
N ALA B 19 -5.28 -5.20 -13.45
CA ALA B 19 -4.14 -4.64 -12.72
C ALA B 19 -4.07 -5.18 -11.30
N VAL B 20 -5.21 -5.27 -10.61
CA VAL B 20 -5.20 -5.83 -9.26
C VAL B 20 -4.81 -7.31 -9.30
N ASP B 21 -5.36 -8.07 -10.25
CA ASP B 21 -5.01 -9.48 -10.38
C ASP B 21 -3.50 -9.65 -10.61
N ILE B 22 -2.93 -8.84 -11.51
CA ILE B 22 -1.51 -8.96 -11.80
C ILE B 22 -0.69 -8.55 -10.58
N LEU B 23 -1.03 -7.41 -9.98
CA LEU B 23 -0.24 -6.92 -8.87
C LEU B 23 -0.38 -7.81 -7.64
N HIS B 24 -1.54 -8.45 -7.45
CA HIS B 24 -1.64 -9.37 -6.33
C HIS B 24 -0.85 -10.66 -6.57
N GLU B 25 -0.75 -11.13 -7.82
CA GLU B 25 0.10 -12.29 -8.07
C GLU B 25 1.57 -11.93 -7.86
N ILE B 26 1.97 -10.72 -8.26
CA ILE B 26 3.33 -10.26 -8.00
C ILE B 26 3.58 -10.19 -6.49
N ALA B 27 2.60 -9.65 -5.76
CA ALA B 27 2.71 -9.53 -4.31
C ALA B 27 2.87 -10.88 -3.65
N THR B 28 2.19 -11.90 -4.20
CA THR B 28 2.31 -13.24 -3.66
C THR B 28 3.68 -13.82 -3.93
N ILE B 29 4.19 -13.64 -5.15
CA ILE B 29 5.54 -14.11 -5.49
C ILE B 29 6.56 -13.49 -4.54
N LEU B 30 6.41 -12.22 -4.24
CA LEU B 30 7.34 -11.51 -3.35
C LEU B 30 7.07 -11.79 -1.89
N ASN B 31 5.99 -12.49 -1.56
CA ASN B 31 5.61 -12.82 -0.18
C ASN B 31 5.35 -11.54 0.64
N CYS B 32 4.58 -10.62 0.05
CA CYS B 32 4.29 -9.36 0.71
C CYS B 32 3.23 -9.48 1.82
N HIS B 33 2.53 -10.62 1.90
CA HIS B 33 1.46 -10.81 2.88
C HIS B 33 0.37 -9.75 2.75
N LEU B 34 0.07 -9.34 1.51
CA LEU B 34 -1.01 -8.39 1.27
C LEU B 34 -2.21 -9.14 0.70
N ASP B 35 -3.39 -8.91 1.27
CA ASP B 35 -4.59 -9.41 0.64
C ASP B 35 -5.08 -8.39 -0.39
N ARG B 36 -6.07 -8.79 -1.19
CA ARG B 36 -6.55 -7.91 -2.26
C ARG B 36 -7.10 -6.61 -1.71
N ARG B 37 -7.79 -6.68 -0.56
CA ARG B 37 -8.36 -5.47 0.03
C ARG B 37 -7.29 -4.45 0.35
N THR B 38 -6.21 -4.89 1.00
CA THR B 38 -5.16 -3.96 1.37
C THR B 38 -4.42 -3.46 0.13
N LEU B 39 -4.17 -4.35 -0.82
CA LEU B 39 -3.54 -3.94 -2.06
C LEU B 39 -4.35 -2.85 -2.75
N SER B 40 -5.67 -3.06 -2.86
CA SER B 40 -6.51 -2.11 -3.56
C SER B 40 -6.51 -0.76 -2.85
N ILE B 41 -6.51 -0.77 -1.51
CA ILE B 41 -6.40 0.50 -0.79
C ILE B 41 -5.09 1.19 -1.13
N CYS B 42 -3.98 0.44 -1.09
CA CYS B 42 -2.69 1.03 -1.39
C CYS B 42 -2.64 1.59 -2.80
N ILE B 43 -3.15 0.82 -3.77
CA ILE B 43 -3.22 1.31 -5.15
C ILE B 43 -3.92 2.66 -5.19
N SER B 44 -5.06 2.75 -4.50
CA SER B 44 -5.83 3.99 -4.49
C SER B 44 -5.03 5.16 -3.94
N MET B 45 -4.36 4.95 -2.79
CA MET B 45 -3.54 6.01 -2.20
C MET B 45 -2.38 6.39 -3.11
N ILE B 46 -1.74 5.40 -3.73
CA ILE B 46 -0.59 5.71 -4.56
C ILE B 46 -1.03 6.49 -5.79
N GLU B 47 -2.18 6.10 -6.37
CA GLU B 47 -2.70 6.80 -7.54
C GLU B 47 -3.16 8.21 -7.19
N ASN B 48 -3.43 8.47 -5.91
CA ASN B 48 -3.77 9.81 -5.41
C ASN B 48 -2.57 10.61 -4.94
N GLY B 49 -1.36 10.09 -5.15
CA GLY B 49 -0.15 10.87 -4.94
C GLY B 49 0.65 10.54 -3.71
N VAL B 50 0.25 9.52 -2.94
CA VAL B 50 0.97 9.20 -1.71
C VAL B 50 2.35 8.62 -2.06
N ASN B 51 3.37 9.06 -1.32
CA ASN B 51 4.72 8.55 -1.49
C ASN B 51 4.77 7.05 -1.15
N PRO B 52 5.30 6.21 -2.04
CA PRO B 52 5.21 4.76 -1.80
C PRO B 52 6.13 4.26 -0.73
N GLU B 53 7.29 4.90 -0.52
CA GLU B 53 8.13 4.50 0.58
C GLU B 53 7.46 4.81 1.92
N ALA B 54 6.80 5.97 2.01
CA ALA B 54 6.06 6.27 3.23
C ALA B 54 4.90 5.31 3.42
N LEU B 55 4.20 4.94 2.34
CA LEU B 55 3.07 4.03 2.48
C LEU B 55 3.54 2.65 2.94
N ALA B 56 4.70 2.20 2.46
CA ALA B 56 5.24 0.93 2.93
C ALA B 56 5.51 0.98 4.43
N ASN B 57 6.05 2.11 4.92
CA ASN B 57 6.23 2.26 6.36
C ASN B 57 4.90 2.23 7.09
N VAL B 58 3.87 2.88 6.52
CA VAL B 58 2.55 2.85 7.12
C VAL B 58 2.05 1.42 7.26
N ILE B 59 2.18 0.62 6.22
CA ILE B 59 1.72 -0.76 6.31
C ILE B 59 2.50 -1.51 7.38
N LYS B 60 3.81 -1.32 7.42
CA LYS B 60 4.62 -2.03 8.42
C LYS B 60 4.21 -1.66 9.83
N GLU B 61 3.96 -0.37 10.07
CA GLU B 61 3.65 0.08 11.42
C GLU B 61 2.25 -0.37 11.84
N LEU B 62 1.28 -0.31 10.92
CA LEU B 62 -0.06 -0.81 11.20
C LEU B 62 -0.03 -2.30 11.55
N ARG B 63 0.78 -3.08 10.83
CA ARG B 63 0.91 -4.49 11.19
C ARG B 63 1.44 -4.65 12.61
N VAL B 64 2.45 -3.86 12.98
CA VAL B 64 2.99 -3.96 14.35
C VAL B 64 1.90 -3.62 15.35
N LEU B 65 1.19 -2.53 15.13
CA LEU B 65 0.16 -2.11 16.07
C LEU B 65 -0.96 -3.14 16.18
N GLY B 66 -1.31 -3.77 15.05
CA GLY B 66 -2.35 -4.78 15.07
C GLY B 66 -1.96 -6.07 15.75
N GLN B 67 -0.67 -6.35 15.86
CA GLN B 67 -0.21 -7.57 16.51
C GLN B 67 0.34 -7.35 17.92
N ASP B 68 0.52 -6.10 18.36
CA ASP B 68 1.25 -5.81 19.59
C ASP B 68 0.46 -4.81 20.44
N PRO B 69 -0.40 -5.30 21.33
CA PRO B 69 -1.17 -4.37 22.19
C PRO B 69 -0.32 -3.45 23.02
N GLN B 70 0.88 -3.90 23.41
CA GLN B 70 1.82 -3.02 24.12
C GLN B 70 2.17 -1.80 23.28
N GLN B 71 2.48 -2.00 22.00
CA GLN B 71 2.84 -0.86 21.17
C GLN B 71 1.63 0.00 20.84
N LEU B 72 0.43 -0.59 20.70
CA LEU B 72 -0.74 0.26 20.47
C LEU B 72 -1.04 1.11 21.70
N ASP B 73 -0.93 0.53 22.90
CA ASP B 73 -1.19 1.36 24.07
C ASP B 73 -0.09 2.40 24.27
N ALA B 74 1.15 2.07 23.92
CA ALA B 74 2.21 3.07 24.03
C ALA B 74 1.96 4.21 23.05
N LEU B 75 1.48 3.88 21.84
CA LEU B 75 1.12 4.92 20.88
C LEU B 75 0.03 5.83 21.44
N VAL B 76 -1.00 5.25 22.06
CA VAL B 76 -2.09 6.03 22.63
C VAL B 76 -1.56 6.95 23.72
N ALA B 77 -0.70 6.42 24.61
CA ALA B 77 -0.12 7.25 25.66
C ALA B 77 0.65 8.44 25.09
N ASN B 78 1.43 8.20 24.03
CA ASN B 78 2.15 9.30 23.39
C ASN B 78 1.18 10.31 22.75
N TYR B 79 0.11 9.81 22.14
CA TYR B 79 -0.86 10.69 21.50
C TYR B 79 -1.58 11.55 22.54
N LEU B 80 -2.05 10.93 23.62
CA LEU B 80 -2.77 11.68 24.65
C LEU B 80 -1.87 12.74 25.28
N ALA B 81 -0.58 12.44 25.44
CA ALA B 81 0.34 13.41 26.03
C ALA B 81 0.61 14.59 25.11
N SER B 82 0.11 14.55 23.88
CA SER B 82 0.22 15.69 22.96
C SER B 82 -1.15 16.33 22.78
#